data_5WSX
#
_entry.id   5WSX
#
_cell.length_a   49.880
_cell.length_b   50.100
_cell.length_c   125.010
_cell.angle_alpha   90.00
_cell.angle_beta   90.00
_cell.angle_gamma   90.00
#
_symmetry.space_group_name_H-M   'P 21 21 21'
#
loop_
_entity.id
_entity.type
_entity.pdbx_description
1 polymer 'Uncharacterized protein'
2 water water
#
_entity_poly.entity_id   1
_entity_poly.type   'polypeptide(L)'
_entity_poly.pdbx_seq_one_letter_code
;MNHKVHHHHHHIEGRHMTTAQHPTDEDLLARVLVPYKDHCKYLRSAVVTESDTGRAVARCEFAIPESCYIDDTGHLNSVE
VNICYNQMMYYLVAKSVKEGLLAGFESWTLDDFWKHQLPDILIARFASNFRRPVNPRAFSGEMEFQSVTRRAPAGGIPFL
HAETAYRYWDADSGRCDGEAVLAFVNIP
;
_entity_poly.pdbx_strand_id   A,B
#
# COMPACT_ATOMS: atom_id res chain seq x y z
N ARG A 15 -8.09 8.29 -32.48
CA ARG A 15 -8.17 7.26 -31.38
C ARG A 15 -8.79 5.92 -31.83
N HIS A 16 -9.89 6.03 -32.54
CA HIS A 16 -10.33 4.94 -33.38
C HIS A 16 -9.46 4.76 -34.61
N MET A 17 -8.58 5.72 -34.89
CA MET A 17 -7.82 5.75 -36.15
C MET A 17 -6.36 5.43 -35.86
N THR A 18 -5.86 5.92 -34.73
CA THR A 18 -4.52 5.60 -34.30
C THR A 18 -4.49 5.43 -32.77
N THR A 19 -3.30 5.16 -32.25
CA THR A 19 -3.11 4.97 -30.85
C THR A 19 -2.05 5.96 -30.40
N ALA A 20 -2.44 6.85 -29.49
CA ALA A 20 -1.51 7.80 -28.93
C ALA A 20 -0.53 7.01 -28.04
N GLN A 21 0.77 7.27 -28.15
CA GLN A 21 1.71 6.62 -27.26
C GLN A 21 2.94 7.48 -27.02
N HIS A 22 3.30 7.65 -25.75
CA HIS A 22 4.33 8.62 -25.38
C HIS A 22 5.46 8.02 -24.58
N PRO A 23 6.69 8.25 -25.01
CA PRO A 23 7.85 7.86 -24.24
C PRO A 23 7.85 8.54 -22.88
N THR A 24 8.66 8.02 -21.94
CA THR A 24 8.85 8.64 -20.63
C THR A 24 9.01 10.15 -20.79
N ASP A 25 8.34 10.91 -19.92
CA ASP A 25 8.47 12.38 -19.81
C ASP A 25 9.34 12.70 -18.55
N GLU A 26 10.64 12.83 -18.77
CA GLU A 26 11.65 12.93 -17.71
C GLU A 26 11.40 14.07 -16.75
N ASP A 27 11.01 15.23 -17.25
CA ASP A 27 10.74 16.34 -16.34
C ASP A 27 9.45 16.10 -15.56
N LEU A 28 8.44 15.56 -16.21
CA LEU A 28 7.23 15.18 -15.52
C LEU A 28 7.49 14.10 -14.50
N LEU A 29 8.33 13.14 -14.85
CA LEU A 29 8.71 12.08 -13.90
C LEU A 29 9.46 12.60 -12.65
N ALA A 30 10.42 13.50 -12.83
CA ALA A 30 11.19 14.06 -11.69
C ALA A 30 10.29 14.92 -10.80
N ARG A 31 9.38 15.68 -11.42
CA ARG A 31 8.36 16.48 -10.67
C ARG A 31 7.43 15.58 -9.81
N VAL A 32 7.00 14.47 -10.38
CA VAL A 32 6.24 13.48 -9.67
C VAL A 32 7.06 12.94 -8.46
N LEU A 33 8.34 12.62 -8.69
CA LEU A 33 9.14 11.98 -7.69
C LEU A 33 9.75 12.93 -6.66
N VAL A 34 9.61 14.25 -6.88
CA VAL A 34 10.32 15.23 -6.09
C VAL A 34 9.97 15.16 -4.59
N PRO A 35 8.68 14.94 -4.21
CA PRO A 35 8.34 14.86 -2.78
C PRO A 35 8.81 13.59 -2.03
N TYR A 36 9.24 12.54 -2.73
CA TYR A 36 9.63 11.33 -2.04
C TYR A 36 11.05 11.43 -1.51
N LYS A 37 11.28 10.73 -0.39
CA LYS A 37 12.65 10.57 0.13
C LYS A 37 13.52 9.98 -0.95
N ASP A 38 14.84 10.24 -0.93
CA ASP A 38 15.75 9.79 -2.00
C ASP A 38 15.62 8.29 -2.22
N HIS A 39 15.68 7.55 -1.11
CA HIS A 39 15.69 6.09 -1.14
C HIS A 39 14.30 5.42 -1.33
N CYS A 40 13.26 6.24 -1.42
CA CYS A 40 11.90 5.78 -1.77
C CYS A 40 11.50 6.11 -3.22
N LYS A 41 12.49 6.45 -4.04
CA LYS A 41 12.24 6.78 -5.46
C LYS A 41 12.45 5.54 -6.34
N TYR A 42 11.37 4.96 -6.84
CA TYR A 42 11.43 3.65 -7.46
C TYR A 42 11.08 3.61 -8.95
N LEU A 43 10.03 4.33 -9.35
CA LEU A 43 9.65 4.49 -10.75
C LEU A 43 10.75 5.13 -11.53
N ARG A 44 11.20 4.44 -12.59
CA ARG A 44 12.31 4.87 -13.48
C ARG A 44 11.94 5.21 -14.95
N SER A 45 10.86 4.66 -15.47
CA SER A 45 10.43 4.94 -16.84
C SER A 45 8.98 4.52 -17.01
N ALA A 46 8.29 5.17 -17.96
CA ALA A 46 6.86 5.03 -18.08
C ALA A 46 6.40 5.49 -19.42
N VAL A 47 5.91 4.57 -20.22
CA VAL A 47 5.40 4.82 -21.54
C VAL A 47 3.87 4.87 -21.35
N VAL A 48 3.24 5.96 -21.83
CA VAL A 48 1.82 6.17 -21.68
C VAL A 48 1.08 5.96 -22.99
N THR A 49 -0.01 5.22 -22.90
CA THR A 49 -0.84 4.88 -24.05
C THR A 49 -2.33 5.22 -23.89
N GLU A 50 -3.06 5.30 -24.97
CA GLU A 50 -4.50 5.32 -24.87
C GLU A 50 -5.08 4.12 -25.57
N SER A 51 -6.10 3.48 -24.98
CA SER A 51 -6.78 2.33 -25.64
C SER A 51 -7.75 2.84 -26.68
N ASP A 52 -8.12 1.97 -27.60
CA ASP A 52 -9.15 2.32 -28.56
C ASP A 52 -10.40 2.92 -27.92
N THR A 53 -10.71 2.56 -26.67
CA THR A 53 -11.87 3.12 -25.95
C THR A 53 -11.59 4.34 -25.09
N GLY A 54 -10.38 4.88 -25.15
CA GLY A 54 -10.01 6.05 -24.35
C GLY A 54 -9.49 5.78 -22.95
N ARG A 55 -9.03 4.57 -22.65
CA ARG A 55 -8.46 4.30 -21.32
C ARG A 55 -6.99 4.65 -21.38
N ALA A 56 -6.52 5.31 -20.31
CA ALA A 56 -5.11 5.68 -20.14
C ALA A 56 -4.35 4.57 -19.47
N VAL A 57 -3.24 4.16 -20.07
CA VAL A 57 -2.38 3.06 -19.63
C VAL A 57 -0.93 3.57 -19.51
N ALA A 58 -0.23 3.07 -18.46
CA ALA A 58 1.18 3.32 -18.24
C ALA A 58 1.91 1.96 -18.23
N ARG A 59 2.94 1.80 -19.06
CA ARG A 59 3.86 0.66 -18.98
C ARG A 59 5.22 1.13 -18.42
N CYS A 60 5.57 0.69 -17.20
CA CYS A 60 6.68 1.28 -16.41
C CYS A 60 7.76 0.29 -16.00
N GLU A 61 8.95 0.84 -15.68
CA GLU A 61 10.06 0.11 -15.02
C GLU A 61 10.38 0.77 -13.69
N PHE A 62 10.80 -0.09 -12.77
CA PHE A 62 10.95 0.23 -11.36
C PHE A 62 12.23 -0.40 -10.89
N ALA A 63 12.77 0.16 -9.81
CA ALA A 63 13.97 -0.36 -9.11
C ALA A 63 13.96 0.14 -7.66
N ILE A 64 14.19 -0.82 -6.76
CA ILE A 64 14.34 -0.56 -5.32
C ILE A 64 15.71 -1.07 -4.88
N PRO A 65 16.73 -0.17 -4.96
CA PRO A 65 18.09 -0.55 -4.61
C PRO A 65 18.23 -0.76 -3.11
N GLU A 66 17.36 -0.11 -2.34
CA GLU A 66 17.28 -0.31 -0.90
C GLU A 66 15.91 0.07 -0.43
N SER A 67 15.43 -0.58 0.64
CA SER A 67 14.12 -0.27 1.20
C SER A 67 14.01 1.16 1.73
N CYS A 68 12.78 1.61 1.76
CA CYS A 68 12.44 2.99 2.00
C CYS A 68 12.16 3.26 3.46
N TYR A 69 11.59 2.25 4.13
CA TYR A 69 10.94 2.40 5.43
C TYR A 69 11.44 1.39 6.49
N ILE A 70 12.24 0.42 6.06
CA ILE A 70 12.69 -0.69 6.87
C ILE A 70 14.00 -1.24 6.27
N ASP A 71 14.92 -1.70 7.12
CA ASP A 71 16.18 -2.21 6.61
C ASP A 71 15.97 -3.63 6.13
N HIS A 75 11.92 -9.98 -0.72
CA HIS A 75 11.28 -9.68 -2.00
C HIS A 75 10.46 -8.36 -2.01
N LEU A 76 9.72 -8.10 -3.07
CA LEU A 76 8.86 -6.92 -3.13
C LEU A 76 7.66 -7.12 -2.23
N ASN A 77 7.51 -6.22 -1.26
CA ASN A 77 6.42 -6.31 -0.28
C ASN A 77 5.29 -5.28 -0.54
N SER A 78 4.19 -5.40 0.20
CA SER A 78 2.98 -4.67 -0.09
C SER A 78 3.13 -3.16 0.14
N VAL A 79 3.98 -2.78 1.08
CA VAL A 79 4.29 -1.37 1.27
C VAL A 79 4.88 -0.80 -0.02
N GLU A 80 5.88 -1.45 -0.55
CA GLU A 80 6.53 -1.01 -1.77
C GLU A 80 5.65 -1.10 -3.00
N VAL A 81 4.76 -2.09 -3.03
CA VAL A 81 3.81 -2.24 -4.09
C VAL A 81 2.95 -0.98 -4.16
N ASN A 82 2.48 -0.53 -3.01
CA ASN A 82 1.67 0.66 -2.88
C ASN A 82 2.47 1.98 -3.19
N ILE A 83 3.76 2.06 -2.80
CA ILE A 83 4.56 3.25 -3.08
C ILE A 83 4.75 3.36 -4.57
N CYS A 84 5.06 2.24 -5.19
CA CYS A 84 5.26 2.21 -6.61
C CYS A 84 3.98 2.60 -7.38
N TYR A 85 2.79 2.18 -6.86
CA TYR A 85 1.54 2.48 -7.54
C TYR A 85 1.31 4.00 -7.56
N ASN A 86 1.47 4.58 -6.39
CA ASN A 86 1.33 6.01 -6.24
C ASN A 86 2.11 6.80 -7.24
N GLN A 87 3.40 6.51 -7.36
CA GLN A 87 4.28 7.09 -8.32
C GLN A 87 3.81 6.85 -9.74
N MET A 88 3.55 5.60 -10.06
CA MET A 88 3.06 5.26 -11.37
C MET A 88 1.76 6.01 -11.65
N MET A 89 0.82 5.97 -10.70
CA MET A 89 -0.49 6.64 -10.83
C MET A 89 -0.42 8.19 -11.00
N TYR A 90 0.38 8.86 -10.20
CA TYR A 90 0.54 10.31 -10.36
C TYR A 90 1.17 10.68 -11.71
N TYR A 91 2.24 9.96 -12.07
CA TYR A 91 2.79 10.11 -13.39
C TYR A 91 1.71 9.91 -14.49
N LEU A 92 1.07 8.76 -14.50
CA LEU A 92 0.12 8.48 -15.58
C LEU A 92 -0.98 9.53 -15.65
N VAL A 93 -1.49 9.94 -14.51
CA VAL A 93 -2.54 10.96 -14.47
C VAL A 93 -2.06 12.33 -15.06
N ALA A 94 -0.86 12.78 -14.65
CA ALA A 94 -0.30 14.04 -15.10
C ALA A 94 0.01 13.97 -16.58
N LYS A 95 0.65 12.90 -17.01
CA LYS A 95 1.03 12.76 -18.40
C LYS A 95 -0.19 12.55 -19.32
N SER A 96 -1.20 11.82 -18.87
CA SER A 96 -2.45 11.69 -19.62
C SER A 96 -3.21 13.00 -19.72
N VAL A 97 -3.30 13.76 -18.62
CA VAL A 97 -3.97 15.05 -18.72
C VAL A 97 -3.25 15.96 -19.71
N LYS A 98 -1.91 16.03 -19.60
CA LYS A 98 -1.05 16.81 -20.52
C LYS A 98 -1.26 16.51 -22.00
N GLU A 99 -1.45 15.21 -22.30
CA GLU A 99 -1.62 14.79 -23.67
C GLU A 99 -3.11 14.46 -24.03
N GLY A 100 -4.04 14.87 -23.21
CA GLY A 100 -5.47 14.75 -23.55
C GLY A 100 -6.05 13.34 -23.53
N LEU A 101 -5.48 12.46 -22.74
CA LEU A 101 -5.90 11.06 -22.76
C LEU A 101 -6.66 10.68 -21.53
N LEU A 102 -6.87 11.61 -20.59
CA LEU A 102 -7.58 11.22 -19.36
C LEU A 102 -9.07 11.60 -19.47
N ALA A 103 -9.92 10.55 -19.60
CA ALA A 103 -11.39 10.65 -19.68
C ALA A 103 -11.92 11.49 -18.56
N GLY A 104 -12.74 12.48 -18.88
CA GLY A 104 -13.13 13.50 -17.89
C GLY A 104 -12.33 14.79 -17.92
N PHE A 105 -11.05 14.75 -18.33
CA PHE A 105 -10.19 15.94 -18.22
C PHE A 105 -9.67 16.49 -19.56
N GLU A 106 -10.31 16.08 -20.65
CA GLU A 106 -9.89 16.51 -22.01
C GLU A 106 -9.94 17.98 -22.24
N SER A 107 -10.72 18.70 -21.44
CA SER A 107 -10.80 20.15 -21.58
C SER A 107 -9.90 20.85 -20.56
N TRP A 108 -9.20 20.07 -19.73
CA TRP A 108 -8.22 20.58 -18.77
C TRP A 108 -6.80 20.61 -19.33
N THR A 109 -5.99 21.52 -18.83
CA THR A 109 -4.56 21.49 -19.03
C THR A 109 -3.86 20.95 -17.79
N LEU A 110 -2.62 20.51 -17.98
CA LEU A 110 -1.76 20.10 -16.90
C LEU A 110 -1.61 21.13 -15.78
N ASP A 111 -1.49 22.40 -16.12
CA ASP A 111 -1.38 23.46 -15.09
C ASP A 111 -2.56 23.42 -14.14
N ASP A 112 -3.74 23.66 -14.72
CA ASP A 112 -5.00 23.70 -14.02
C ASP A 112 -5.18 22.47 -13.20
N PHE A 113 -4.76 21.34 -13.77
CA PHE A 113 -4.90 20.05 -13.13
C PHE A 113 -3.90 19.88 -12.00
N TRP A 114 -2.67 20.30 -12.25
CA TRP A 114 -1.59 20.06 -11.32
C TRP A 114 -1.82 20.73 -9.98
N LYS A 115 -2.05 22.03 -10.00
CA LYS A 115 -2.27 22.76 -8.76
C LYS A 115 -3.69 22.57 -8.20
N HIS A 116 -4.67 22.24 -9.03
CA HIS A 116 -6.06 22.16 -8.55
C HIS A 116 -6.64 20.74 -8.32
N GLN A 117 -6.37 19.78 -9.21
CA GLN A 117 -6.89 18.39 -9.01
C GLN A 117 -5.88 17.42 -8.36
N LEU A 118 -4.61 17.56 -8.74
CA LEU A 118 -3.53 16.67 -8.26
C LEU A 118 -3.53 16.51 -6.74
N PRO A 119 -3.38 17.61 -5.96
CA PRO A 119 -3.50 17.47 -4.49
C PRO A 119 -4.74 16.68 -3.95
N ASP A 120 -5.89 16.85 -4.59
CA ASP A 120 -7.14 16.24 -4.16
C ASP A 120 -7.45 14.93 -4.88
N ILE A 121 -6.43 14.23 -5.38
CA ILE A 121 -6.60 12.82 -5.72
C ILE A 121 -6.43 12.02 -4.44
N LEU A 122 -7.45 11.24 -4.08
CA LEU A 122 -7.39 10.38 -2.91
C LEU A 122 -7.53 8.94 -3.33
N ILE A 123 -6.72 8.07 -2.71
CA ILE A 123 -6.95 6.63 -2.88
C ILE A 123 -8.08 6.23 -1.95
N ALA A 124 -9.24 5.94 -2.52
CA ALA A 124 -10.41 5.49 -1.78
C ALA A 124 -10.27 4.06 -1.34
N ARG A 125 -9.79 3.22 -2.22
CA ARG A 125 -9.58 1.81 -1.91
C ARG A 125 -8.30 1.34 -2.60
N PHE A 126 -7.54 0.46 -1.93
CA PHE A 126 -6.32 -0.07 -2.50
C PHE A 126 -6.13 -1.54 -2.14
N ALA A 127 -5.69 -2.33 -3.10
CA ALA A 127 -5.60 -3.77 -2.96
C ALA A 127 -4.38 -4.31 -3.68
N SER A 128 -3.65 -5.22 -3.02
CA SER A 128 -2.51 -5.94 -3.65
C SER A 128 -2.53 -7.45 -3.38
N ASN A 129 -2.01 -8.22 -4.34
CA ASN A 129 -1.97 -9.66 -4.25
C ASN A 129 -0.66 -10.22 -4.81
N PHE A 130 -0.02 -11.02 -3.96
CA PHE A 130 1.24 -11.70 -4.25
C PHE A 130 0.91 -12.88 -5.11
N ARG A 131 1.64 -13.05 -6.20
CA ARG A 131 1.48 -14.22 -7.07
C ARG A 131 2.76 -15.03 -7.07
N ARG A 132 3.84 -14.44 -7.56
CA ARG A 132 5.17 -15.02 -7.42
C ARG A 132 6.10 -13.92 -6.96
N PRO A 133 7.09 -14.27 -6.10
CA PRO A 133 7.91 -13.18 -5.56
C PRO A 133 8.58 -12.36 -6.66
N VAL A 134 8.45 -11.04 -6.61
CA VAL A 134 9.09 -10.14 -7.64
C VAL A 134 10.44 -9.67 -7.13
N ASN A 135 11.46 -9.69 -7.97
CA ASN A 135 12.74 -9.13 -7.55
C ASN A 135 12.63 -7.61 -7.40
N PRO A 136 12.78 -7.07 -6.19
CA PRO A 136 12.61 -5.62 -5.99
C PRO A 136 13.64 -4.72 -6.72
N ARG A 137 14.78 -5.31 -7.05
CA ARG A 137 15.89 -4.60 -7.67
C ARG A 137 15.55 -4.08 -9.05
N ALA A 138 14.76 -4.84 -9.79
CA ALA A 138 14.43 -4.42 -11.13
C ALA A 138 13.25 -5.21 -11.52
N PHE A 139 12.25 -4.53 -12.07
CA PHE A 139 10.98 -5.14 -12.39
C PHE A 139 10.01 -4.12 -13.08
N SER A 140 9.03 -4.67 -13.83
CA SER A 140 8.15 -3.88 -14.65
C SER A 140 6.81 -3.78 -13.99
N GLY A 141 6.01 -2.84 -14.46
CA GLY A 141 4.66 -2.70 -13.99
C GLY A 141 3.82 -2.01 -15.03
N GLU A 142 2.51 -2.12 -14.86
CA GLU A 142 1.61 -1.41 -15.73
C GLU A 142 0.27 -1.12 -15.03
N MET A 143 -0.42 -0.04 -15.47
CA MET A 143 -1.74 0.30 -14.96
C MET A 143 -2.70 0.95 -15.97
N GLU A 144 -4.00 0.81 -15.73
CA GLU A 144 -5.06 1.23 -16.67
C GLU A 144 -6.05 2.04 -15.91
N PHE A 145 -6.48 3.17 -16.48
CA PHE A 145 -7.79 3.73 -16.06
C PHE A 145 -8.87 2.91 -16.70
N GLN A 146 -9.50 2.06 -15.90
CA GLN A 146 -10.58 1.21 -16.37
C GLN A 146 -11.82 2.06 -16.70
N SER A 147 -12.28 2.87 -15.75
CA SER A 147 -13.44 3.74 -15.90
C SER A 147 -13.22 5.04 -15.16
N VAL A 148 -13.98 6.06 -15.58
CA VAL A 148 -14.09 7.35 -14.86
C VAL A 148 -15.59 7.76 -14.85
N THR A 149 -16.09 8.14 -13.68
CA THR A 149 -17.51 8.22 -13.46
C THR A 149 -17.79 9.24 -12.36
N ARG A 150 -18.75 10.11 -12.61
CA ARG A 150 -19.17 11.12 -11.63
C ARG A 150 -19.98 10.46 -10.53
N ARG A 151 -20.00 11.08 -9.33
CA ARG A 151 -20.68 10.52 -8.17
C ARG A 151 -21.28 11.57 -7.22
N PRO A 158 -19.26 16.29 -5.21
CA PRO A 158 -19.54 16.13 -6.66
C PRO A 158 -18.26 15.73 -7.45
N PHE A 159 -17.75 14.53 -7.12
CA PHE A 159 -16.46 14.00 -7.59
C PHE A 159 -16.44 12.90 -8.66
N LEU A 160 -15.32 12.85 -9.38
CA LEU A 160 -15.01 11.75 -10.29
C LEU A 160 -14.35 10.54 -9.59
N HIS A 161 -15.03 9.43 -9.73
CA HIS A 161 -14.65 8.16 -9.20
C HIS A 161 -14.00 7.35 -10.31
N ALA A 162 -12.73 7.00 -10.15
CA ALA A 162 -12.05 6.22 -11.18
C ALA A 162 -11.56 4.85 -10.66
N GLU A 163 -11.93 3.79 -11.39
CA GLU A 163 -11.37 2.44 -11.16
C GLU A 163 -10.08 2.31 -11.97
N THR A 164 -9.07 1.69 -11.36
CA THR A 164 -7.83 1.38 -12.01
C THR A 164 -7.42 -0.05 -11.66
N ALA A 165 -6.65 -0.69 -12.52
CA ALA A 165 -6.06 -1.99 -12.24
C ALA A 165 -4.58 -1.85 -12.51
N TYR A 166 -3.76 -2.61 -11.79
CA TYR A 166 -2.28 -2.59 -11.96
C TYR A 166 -1.65 -4.00 -11.79
N ARG A 167 -0.41 -4.18 -12.26
CA ARG A 167 0.29 -5.45 -12.21
C ARG A 167 1.79 -5.21 -12.35
N TYR A 168 2.59 -5.93 -11.57
CA TYR A 168 4.03 -5.85 -11.61
C TYR A 168 4.61 -7.23 -11.96
N TRP A 169 5.67 -7.27 -12.76
CA TRP A 169 6.34 -8.50 -13.09
C TRP A 169 7.86 -8.23 -13.19
N ASP A 170 8.63 -9.31 -13.20
CA ASP A 170 10.05 -9.21 -13.45
C ASP A 170 10.40 -10.14 -14.62
N ALA A 171 11.67 -10.23 -14.93
CA ALA A 171 12.14 -11.12 -16.01
C ALA A 171 12.19 -12.63 -15.64
N ASP A 172 11.46 -13.07 -14.60
CA ASP A 172 11.57 -14.43 -14.09
C ASP A 172 10.29 -14.89 -13.42
N SER A 173 9.14 -14.57 -14.00
CA SER A 173 7.82 -15.01 -13.47
C SER A 173 7.31 -14.37 -12.17
N GLY A 174 8.17 -13.66 -11.45
CA GLY A 174 7.72 -12.88 -10.32
C GLY A 174 6.53 -12.05 -10.78
N ARG A 175 5.51 -11.97 -9.93
CA ARG A 175 4.33 -11.18 -10.22
C ARG A 175 3.50 -10.83 -9.01
N CYS A 176 2.98 -9.60 -9.00
CA CYS A 176 1.82 -9.28 -8.17
C CYS A 176 0.90 -8.26 -8.86
N ASP A 177 -0.26 -8.04 -8.28
CA ASP A 177 -1.28 -7.21 -8.96
C ASP A 177 -2.39 -6.81 -8.03
N GLY A 178 -3.21 -5.85 -8.48
CA GLY A 178 -4.39 -5.45 -7.74
C GLY A 178 -5.14 -4.28 -8.33
N GLU A 179 -5.88 -3.57 -7.49
CA GLU A 179 -6.73 -2.49 -7.97
C GLU A 179 -6.65 -1.31 -7.05
N ALA A 180 -7.14 -0.17 -7.51
CA ALA A 180 -7.18 1.02 -6.67
C ALA A 180 -8.25 1.92 -7.20
N VAL A 181 -9.19 2.30 -6.36
CA VAL A 181 -10.22 3.22 -6.71
C VAL A 181 -9.81 4.60 -6.27
N LEU A 182 -9.84 5.53 -7.22
CA LEU A 182 -9.41 6.90 -7.02
C LEU A 182 -10.61 7.81 -7.00
N ALA A 183 -10.49 8.87 -6.20
CA ALA A 183 -11.49 9.89 -6.08
C ALA A 183 -10.82 11.21 -6.42
N PHE A 184 -11.20 11.76 -7.58
CA PHE A 184 -10.80 13.10 -7.94
C PHE A 184 -11.74 14.13 -7.30
N VAL A 185 -11.28 14.71 -6.20
CA VAL A 185 -12.06 15.73 -5.48
C VAL A 185 -11.82 17.14 -6.06
N GLN B 21 -5.96 -9.99 29.09
CA GLN B 21 -5.79 -8.66 28.46
C GLN B 21 -4.35 -8.10 28.66
N HIS B 22 -3.47 -8.29 27.68
CA HIS B 22 -2.05 -7.99 27.93
C HIS B 22 -1.68 -6.55 27.61
N PRO B 23 -1.05 -5.84 28.60
CA PRO B 23 -0.75 -4.45 28.36
C PRO B 23 0.40 -4.38 27.38
N THR B 24 0.65 -3.20 26.82
CA THR B 24 1.83 -3.03 25.94
C THR B 24 3.06 -3.66 26.63
N ASP B 25 3.81 -4.42 25.85
CA ASP B 25 5.08 -4.98 26.27
C ASP B 25 6.16 -4.10 25.60
N GLU B 26 6.74 -3.19 26.37
CA GLU B 26 7.71 -2.22 25.84
C GLU B 26 8.95 -2.88 25.25
N ASP B 27 9.44 -3.96 25.89
CA ASP B 27 10.56 -4.76 25.36
C ASP B 27 10.24 -5.32 24.00
N LEU B 28 9.07 -5.92 23.89
CA LEU B 28 8.64 -6.51 22.63
C LEU B 28 8.40 -5.40 21.59
N LEU B 29 7.67 -4.37 21.99
CA LEU B 29 7.38 -3.26 21.09
C LEU B 29 8.67 -2.80 20.39
N ALA B 30 9.73 -2.55 21.16
CA ALA B 30 11.00 -2.00 20.59
C ALA B 30 11.66 -3.01 19.69
N ARG B 31 11.63 -4.27 20.08
CA ARG B 31 12.14 -5.32 19.18
C ARG B 31 11.40 -5.30 17.81
N VAL B 32 10.07 -5.27 17.85
CA VAL B 32 9.26 -5.12 16.61
C VAL B 32 9.69 -3.85 15.86
N LEU B 33 9.79 -2.73 16.57
CA LEU B 33 10.09 -1.46 15.85
C LEU B 33 11.52 -1.27 15.33
N VAL B 34 12.46 -2.15 15.73
CA VAL B 34 13.90 -1.92 15.51
C VAL B 34 14.34 -1.83 14.06
N PRO B 35 13.79 -2.64 13.15
CA PRO B 35 14.24 -2.54 11.75
C PRO B 35 13.73 -1.33 10.97
N TYR B 36 12.66 -0.68 11.45
CA TYR B 36 12.05 0.42 10.72
C TYR B 36 12.87 1.67 10.89
N LYS B 37 12.80 2.58 9.90
CA LYS B 37 13.44 3.90 10.03
C LYS B 37 12.68 4.69 11.06
N ASP B 38 13.38 5.62 11.72
CA ASP B 38 12.83 6.31 12.89
C ASP B 38 11.53 7.06 12.62
N HIS B 39 11.38 7.53 11.38
CA HIS B 39 10.28 8.39 10.98
C HIS B 39 9.14 7.52 10.42
N CYS B 40 9.31 6.20 10.56
CA CYS B 40 8.40 5.18 10.10
C CYS B 40 7.92 4.29 11.24
N LYS B 41 8.20 4.65 12.50
CA LYS B 41 7.74 3.88 13.66
C LYS B 41 6.49 4.52 14.25
N TYR B 42 5.35 3.92 14.04
CA TYR B 42 4.06 4.54 14.29
C TYR B 42 3.33 3.98 15.48
N LEU B 43 3.48 2.67 15.70
CA LEU B 43 2.85 1.97 16.80
C LEU B 43 3.47 2.35 18.16
N ARG B 44 2.62 2.81 19.08
CA ARG B 44 3.02 3.44 20.34
C ARG B 44 2.60 2.57 21.53
N SER B 45 1.39 2.03 21.45
CA SER B 45 0.90 1.05 22.41
C SER B 45 0.03 0.04 21.69
N ALA B 46 -0.08 -1.12 22.31
CA ALA B 46 -0.78 -2.23 21.71
C ALA B 46 -1.18 -3.22 22.80
N VAL B 47 -2.46 -3.19 23.15
CA VAL B 47 -3.02 -4.08 24.16
C VAL B 47 -3.51 -5.31 23.42
N VAL B 48 -3.02 -6.48 23.84
CA VAL B 48 -3.36 -7.73 23.21
C VAL B 48 -4.40 -8.48 24.01
N THR B 49 -5.30 -9.13 23.31
CA THR B 49 -6.36 -9.89 23.92
C THR B 49 -6.76 -11.03 23.00
N GLU B 50 -7.49 -11.96 23.56
CA GLU B 50 -7.98 -13.13 22.87
C GLU B 50 -9.48 -13.11 23.03
N SER B 51 -10.21 -13.21 21.93
CA SER B 51 -11.66 -13.46 21.99
C SER B 51 -11.85 -14.78 22.71
N ASP B 52 -12.95 -14.94 23.42
CA ASP B 52 -13.13 -16.19 24.17
C ASP B 52 -13.10 -17.42 23.22
N THR B 53 -13.21 -17.17 21.90
CA THR B 53 -13.01 -18.22 20.90
C THR B 53 -11.56 -18.28 20.41
N GLY B 54 -10.64 -17.70 21.18
CA GLY B 54 -9.24 -17.84 20.87
C GLY B 54 -8.73 -16.98 19.73
N ARG B 55 -9.54 -16.05 19.19
CA ARG B 55 -9.05 -15.19 18.10
C ARG B 55 -8.17 -14.13 18.74
N ALA B 56 -6.98 -13.89 18.18
CA ALA B 56 -6.08 -12.85 18.74
C ALA B 56 -6.42 -11.44 18.21
N VAL B 57 -6.60 -10.52 19.16
CA VAL B 57 -7.00 -9.13 18.88
C VAL B 57 -5.95 -8.18 19.44
N ALA B 58 -5.77 -7.05 18.78
CA ALA B 58 -4.82 -6.09 19.23
C ALA B 58 -5.50 -4.74 19.16
N ARG B 59 -5.70 -4.10 20.30
CA ARG B 59 -6.26 -2.76 20.38
C ARG B 59 -5.08 -1.81 20.51
N CYS B 60 -4.84 -0.99 19.49
CA CYS B 60 -3.62 -0.19 19.41
C CYS B 60 -3.80 1.33 19.25
N GLU B 61 -2.77 2.07 19.67
CA GLU B 61 -2.64 3.50 19.43
C GLU B 61 -1.43 3.78 18.53
N PHE B 62 -1.58 4.80 17.67
CA PHE B 62 -0.58 5.17 16.68
C PHE B 62 -0.39 6.68 16.60
N ALA B 63 0.77 7.06 16.07
CA ALA B 63 1.06 8.45 15.85
C ALA B 63 2.02 8.51 14.68
N ILE B 64 1.75 9.43 13.77
CA ILE B 64 2.66 9.62 12.67
C ILE B 64 3.10 11.05 12.80
N PRO B 65 4.10 11.27 13.68
CA PRO B 65 4.63 12.63 13.86
C PRO B 65 5.25 13.14 12.57
N GLU B 66 6.34 12.52 12.13
CA GLU B 66 7.00 12.85 10.86
C GLU B 66 6.38 11.94 9.82
N SER B 67 6.62 12.23 8.55
CA SER B 67 6.33 11.23 7.53
C SER B 67 7.61 10.53 7.06
N CYS B 68 7.40 9.27 6.64
CA CYS B 68 8.43 8.25 6.50
C CYS B 68 9.03 8.18 5.09
N TYR B 69 8.16 8.33 4.10
CA TYR B 69 8.46 8.13 2.69
C TYR B 69 8.16 9.36 1.78
N ILE B 70 7.42 10.37 2.25
CA ILE B 70 7.11 11.58 1.46
C ILE B 70 6.81 12.87 2.33
N ASP B 71 6.69 14.05 1.72
CA ASP B 71 5.88 15.15 2.33
C ASP B 71 4.37 14.82 2.37
N HIS B 75 -4.39 13.49 4.79
CA HIS B 75 -4.84 12.59 5.85
C HIS B 75 -4.07 11.29 5.78
N LEU B 76 -4.31 10.41 6.75
CA LEU B 76 -3.74 9.06 6.72
C LEU B 76 -3.99 8.38 5.38
N ASN B 77 -2.92 8.00 4.70
CA ASN B 77 -3.00 7.42 3.37
C ASN B 77 -2.70 5.93 3.40
N SER B 78 -2.79 5.29 2.23
CA SER B 78 -2.77 3.85 2.14
C SER B 78 -1.42 3.23 2.39
N VAL B 79 -0.38 4.00 2.14
CA VAL B 79 0.98 3.53 2.43
C VAL B 79 1.16 3.42 3.95
N GLU B 80 0.71 4.44 4.65
CA GLU B 80 0.89 4.52 6.08
C GLU B 80 -0.04 3.52 6.80
N VAL B 81 -1.26 3.35 6.30
CA VAL B 81 -2.15 2.28 6.75
C VAL B 81 -1.47 0.89 6.67
N ASN B 82 -0.71 0.68 5.62
CA ASN B 82 -0.05 -0.58 5.43
C ASN B 82 1.19 -0.76 6.36
N ILE B 83 1.91 0.33 6.61
CA ILE B 83 3.04 0.30 7.56
C ILE B 83 2.52 0.07 9.00
N CYS B 84 1.51 0.84 9.39
CA CYS B 84 0.89 0.63 10.68
C CYS B 84 0.43 -0.79 10.82
N TYR B 85 -0.13 -1.35 9.75
CA TYR B 85 -0.62 -2.72 9.80
C TYR B 85 0.48 -3.76 10.12
N ASN B 86 1.56 -3.69 9.37
CA ASN B 86 2.70 -4.55 9.60
C ASN B 86 3.26 -4.45 11.02
N GLN B 87 3.42 -3.24 11.54
CA GLN B 87 3.95 -3.05 12.90
C GLN B 87 3.03 -3.72 13.90
N MET B 88 1.75 -3.38 13.84
CA MET B 88 0.70 -3.96 14.70
C MET B 88 0.54 -5.47 14.57
N MET B 89 0.62 -5.98 13.36
CA MET B 89 0.50 -7.39 13.10
C MET B 89 1.67 -8.22 13.61
N TYR B 90 2.90 -7.73 13.35
CA TYR B 90 4.12 -8.32 13.96
C TYR B 90 4.07 -8.23 15.49
N TYR B 91 3.73 -7.08 16.05
CA TYR B 91 3.53 -7.05 17.48
C TYR B 91 2.51 -8.09 17.92
N LEU B 92 1.37 -8.18 17.23
CA LEU B 92 0.30 -9.06 17.71
C LEU B 92 0.77 -10.48 17.62
N VAL B 93 1.38 -10.87 16.50
CA VAL B 93 1.92 -12.22 16.31
C VAL B 93 2.97 -12.59 17.36
N ALA B 94 3.97 -11.73 17.53
CA ALA B 94 5.08 -11.99 18.46
C ALA B 94 4.60 -12.12 19.90
N LYS B 95 3.74 -11.20 20.31
CA LYS B 95 3.15 -11.27 21.62
C LYS B 95 2.24 -12.50 21.74
N SER B 96 1.54 -12.88 20.68
CA SER B 96 0.71 -14.07 20.71
C SER B 96 1.54 -15.33 20.94
N VAL B 97 2.70 -15.39 20.31
CA VAL B 97 3.58 -16.53 20.50
C VAL B 97 4.07 -16.51 21.96
N LYS B 98 4.51 -15.34 22.41
CA LYS B 98 5.10 -15.13 23.74
C LYS B 98 4.18 -15.51 24.87
N GLU B 99 2.88 -15.48 24.59
CA GLU B 99 1.82 -15.93 25.50
C GLU B 99 1.07 -17.14 24.98
N GLY B 100 1.48 -17.70 23.85
CA GLY B 100 0.85 -18.86 23.23
C GLY B 100 -0.58 -18.62 22.73
N LEU B 101 -0.73 -17.99 21.58
CA LEU B 101 -2.07 -17.69 21.04
C LEU B 101 -2.16 -17.82 19.51
N THR B 109 9.01 -20.90 21.93
CA THR B 109 9.78 -19.74 22.42
C THR B 109 9.85 -18.64 21.36
N LEU B 110 9.66 -17.40 21.77
CA LEU B 110 9.83 -16.27 20.83
C LEU B 110 11.13 -16.35 20.04
N ASP B 111 12.21 -16.72 20.74
CA ASP B 111 13.56 -16.81 20.17
C ASP B 111 13.50 -17.67 18.91
N ASP B 112 12.97 -18.88 19.06
CA ASP B 112 12.78 -19.80 17.95
C ASP B 112 11.93 -19.18 16.90
N PHE B 113 10.84 -18.59 17.34
CA PHE B 113 9.89 -18.04 16.41
C PHE B 113 10.53 -16.86 15.75
N TRP B 114 11.11 -15.98 16.58
CA TRP B 114 11.76 -14.77 16.08
C TRP B 114 12.81 -15.11 15.03
N LYS B 115 13.59 -16.15 15.30
CA LYS B 115 14.63 -16.56 14.35
C LYS B 115 14.04 -17.28 13.14
N HIS B 116 13.15 -18.24 13.38
CA HIS B 116 12.80 -19.21 12.35
C HIS B 116 11.52 -18.86 11.58
N GLN B 117 10.44 -18.53 12.29
CA GLN B 117 9.12 -18.41 11.64
C GLN B 117 8.75 -16.99 11.21
N LEU B 118 9.03 -16.04 12.11
CA LEU B 118 8.75 -14.61 11.97
C LEU B 118 9.23 -13.96 10.66
N PRO B 119 10.39 -14.35 10.11
CA PRO B 119 10.72 -13.86 8.77
C PRO B 119 9.95 -14.54 7.60
N ASP B 120 9.33 -15.69 7.85
CA ASP B 120 8.49 -16.36 6.87
C ASP B 120 7.01 -16.06 7.12
N ILE B 121 6.72 -14.81 7.45
CA ILE B 121 5.35 -14.31 7.38
C ILE B 121 5.26 -13.49 6.08
N LEU B 122 4.29 -13.81 5.27
CA LEU B 122 4.13 -13.19 3.98
C LEU B 122 2.73 -12.65 3.97
N ILE B 123 2.57 -11.39 3.56
CA ILE B 123 1.24 -10.85 3.32
C ILE B 123 0.91 -11.32 1.91
N ALA B 124 -0.15 -12.10 1.77
CA ALA B 124 -0.50 -12.65 0.46
C ALA B 124 -1.41 -11.68 -0.27
N ARG B 125 -2.24 -10.99 0.49
CA ARG B 125 -3.11 -9.95 -0.03
C ARG B 125 -3.27 -8.89 1.02
N PHE B 126 -3.36 -7.65 0.56
CA PHE B 126 -3.61 -6.54 1.45
C PHE B 126 -4.65 -5.63 0.82
N ALA B 127 -5.53 -5.07 1.63
CA ALA B 127 -6.54 -4.15 1.11
C ALA B 127 -6.92 -3.13 2.14
N SER B 128 -7.19 -1.89 1.69
CA SER B 128 -7.63 -0.82 2.59
C SER B 128 -8.72 0.02 1.93
N ASN B 129 -9.59 0.55 2.77
CA ASN B 129 -10.68 1.41 2.32
C ASN B 129 -10.79 2.59 3.24
N PHE B 130 -10.84 3.76 2.63
CA PHE B 130 -10.93 5.03 3.32
C PHE B 130 -12.34 5.51 3.24
N ARG B 131 -12.95 5.76 4.41
CA ARG B 131 -14.38 6.02 4.56
C ARG B 131 -14.57 7.47 4.94
N ARG B 132 -13.88 7.89 6.00
CA ARG B 132 -13.78 9.28 6.37
C ARG B 132 -12.33 9.54 6.77
N PRO B 133 -11.82 10.71 6.41
CA PRO B 133 -10.40 11.01 6.56
C PRO B 133 -9.96 10.78 7.97
N VAL B 134 -8.88 10.04 8.17
CA VAL B 134 -8.39 9.82 9.54
C VAL B 134 -7.24 10.78 9.84
N ASN B 135 -7.19 11.27 11.07
CA ASN B 135 -6.09 12.13 11.53
C ASN B 135 -4.86 11.30 11.81
N PRO B 136 -3.77 11.52 11.06
CA PRO B 136 -2.57 10.67 11.26
C PRO B 136 -1.66 10.97 12.47
N ARG B 137 -1.85 12.11 13.14
CA ARG B 137 -0.97 12.48 14.30
C ARG B 137 -1.27 11.58 15.46
N ALA B 138 -2.57 11.35 15.64
CA ALA B 138 -3.08 10.54 16.70
C ALA B 138 -4.23 9.80 16.14
N PHE B 139 -4.15 8.47 16.17
CA PHE B 139 -5.34 7.68 15.87
C PHE B 139 -5.25 6.30 16.52
N SER B 140 -6.35 5.57 16.49
CA SER B 140 -6.43 4.25 17.09
C SER B 140 -6.55 3.19 16.02
N GLY B 141 -6.33 1.94 16.42
CA GLY B 141 -6.62 0.81 15.54
C GLY B 141 -6.78 -0.52 16.23
N GLU B 142 -7.36 -1.46 15.50
CA GLU B 142 -7.71 -2.76 16.01
C GLU B 142 -7.53 -3.74 14.84
N MET B 143 -7.13 -4.96 15.16
CA MET B 143 -7.02 -5.98 14.15
C MET B 143 -7.30 -7.29 14.81
N GLU B 144 -7.68 -8.29 14.03
CA GLU B 144 -7.89 -9.59 14.59
C GLU B 144 -7.62 -10.64 13.58
N PHE B 145 -7.31 -11.82 14.11
CA PHE B 145 -7.14 -13.02 13.32
C PHE B 145 -8.49 -13.67 13.31
N GLN B 146 -9.10 -13.75 12.14
CA GLN B 146 -10.49 -14.15 11.98
C GLN B 146 -10.54 -15.63 11.81
N SER B 147 -9.78 -16.14 10.85
CA SER B 147 -9.53 -17.57 10.70
C SER B 147 -8.03 -17.81 10.64
N VAL B 148 -7.58 -18.90 11.27
CA VAL B 148 -6.26 -19.43 10.99
C VAL B 148 -6.41 -20.89 10.59
N THR B 149 -6.05 -21.24 9.35
CA THR B 149 -6.27 -22.58 8.84
C THR B 149 -4.94 -23.11 8.35
N ARG B 150 -4.70 -24.39 8.62
CA ARG B 150 -3.52 -25.06 8.11
C ARG B 150 -3.87 -25.40 6.69
N ARG B 151 -2.90 -25.36 5.79
CA ARG B 151 -3.10 -25.78 4.41
C ARG B 151 -1.88 -26.63 4.02
N ALA B 152 -2.08 -27.57 3.11
CA ALA B 152 -0.99 -28.41 2.62
C ALA B 152 -1.25 -28.66 1.14
N PRO B 153 -0.78 -27.74 0.28
CA PRO B 153 -1.08 -27.87 -1.16
C PRO B 153 -0.29 -28.97 -1.89
N GLY B 156 4.24 -27.63 -3.37
CA GLY B 156 3.31 -27.64 -2.25
C GLY B 156 3.92 -27.98 -0.89
N ILE B 157 4.23 -26.95 -0.10
CA ILE B 157 4.69 -27.10 1.28
C ILE B 157 3.57 -26.67 2.23
N PRO B 158 3.28 -27.49 3.27
CA PRO B 158 2.31 -27.05 4.29
C PRO B 158 2.69 -25.75 5.02
N PHE B 159 1.67 -24.98 5.41
CA PHE B 159 1.87 -23.64 5.94
C PHE B 159 0.58 -23.17 6.57
N LEU B 160 0.67 -22.19 7.46
CA LEU B 160 -0.54 -21.58 8.06
C LEU B 160 -1.08 -20.37 7.29
N HIS B 161 -2.39 -20.35 7.12
CA HIS B 161 -3.11 -19.34 6.33
C HIS B 161 -3.99 -18.63 7.28
N ALA B 162 -3.90 -17.30 7.27
CA ALA B 162 -4.65 -16.49 8.21
C ALA B 162 -5.36 -15.35 7.50
N GLU B 163 -6.64 -15.21 7.80
CA GLU B 163 -7.42 -14.12 7.32
C GLU B 163 -7.38 -13.17 8.44
N THR B 164 -7.04 -11.92 8.15
CA THR B 164 -7.12 -10.93 9.20
C THR B 164 -7.93 -9.75 8.68
N ALA B 165 -8.47 -8.96 9.61
CA ALA B 165 -9.16 -7.70 9.32
C ALA B 165 -8.71 -6.61 10.30
N TYR B 166 -8.74 -5.36 9.85
CA TYR B 166 -8.34 -4.26 10.70
C TYR B 166 -9.21 -3.04 10.36
N ARG B 167 -9.23 -2.10 11.30
CA ARG B 167 -9.93 -0.84 11.14
C ARG B 167 -9.02 0.19 11.78
N TYR B 168 -9.12 1.41 11.32
CA TYR B 168 -8.52 2.52 12.03
C TYR B 168 -9.58 3.58 12.21
N TRP B 169 -9.49 4.28 13.33
CA TRP B 169 -10.37 5.36 13.65
C TRP B 169 -9.60 6.43 14.51
N ASP B 170 -10.13 7.66 14.52
CA ASP B 170 -9.65 8.73 15.37
C ASP B 170 -10.77 9.27 16.26
N ALA B 171 -10.55 10.40 16.91
CA ALA B 171 -11.49 10.93 17.90
C ALA B 171 -12.63 11.74 17.29
N ASP B 172 -12.79 11.71 15.97
CA ASP B 172 -13.63 12.69 15.28
C ASP B 172 -14.23 12.16 13.97
N SER B 173 -14.80 10.96 14.04
CA SER B 173 -15.44 10.32 12.88
C SER B 173 -14.49 9.64 11.88
N GLY B 174 -13.19 9.87 11.96
CA GLY B 174 -12.28 9.24 11.02
C GLY B 174 -12.37 7.72 11.00
N ARG B 175 -12.47 7.13 9.81
CA ARG B 175 -12.29 5.69 9.68
C ARG B 175 -11.85 5.24 8.31
N CYS B 176 -10.98 4.23 8.39
CA CYS B 176 -10.74 3.34 7.28
C CYS B 176 -10.52 1.92 7.82
N ASP B 177 -10.69 0.95 6.93
CA ASP B 177 -10.68 -0.47 7.31
C ASP B 177 -10.16 -1.27 6.18
N GLY B 178 -9.94 -2.57 6.40
CA GLY B 178 -9.51 -3.43 5.32
C GLY B 178 -9.16 -4.80 5.83
N GLU B 179 -8.47 -5.59 5.01
CA GLU B 179 -8.14 -6.98 5.35
C GLU B 179 -6.77 -7.31 4.83
N ALA B 180 -6.14 -8.31 5.43
CA ALA B 180 -4.89 -8.84 4.90
C ALA B 180 -4.90 -10.33 5.10
N VAL B 181 -4.54 -11.08 4.07
CA VAL B 181 -4.27 -12.50 4.21
C VAL B 181 -2.79 -12.75 4.43
N LEU B 182 -2.46 -13.53 5.46
CA LEU B 182 -1.08 -13.89 5.79
C LEU B 182 -0.79 -15.34 5.51
N ALA B 183 0.48 -15.62 5.23
CA ALA B 183 0.96 -16.97 5.10
C ALA B 183 2.19 -17.11 5.97
N PHE B 184 2.15 -18.06 6.92
CA PHE B 184 3.30 -18.37 7.78
C PHE B 184 4.19 -19.41 7.12
#